data_1V7U
#
_entry.id   1V7U
#
_cell.length_a   63.03
_cell.length_b   69.20
_cell.length_c   108.26
_cell.angle_alpha   90
_cell.angle_beta   90
_cell.angle_gamma   90
#
_symmetry.space_group_name_H-M   'P 21 21 21'
#
loop_
_entity.id
_entity.type
_entity.pdbx_description
1 polymer 'Undecaprenyl pyrophosphate synthetase'
2 non-polymer 'FARNESYL DIPHOSPHATE'
3 water water
#
_entity_poly.entity_id   1
_entity_poly.type   'polypeptide(L)'
_entity_poly.pdbx_seq_one_letter_code
;MMLSATQPLSEKLPAHGCRHVAIIMDGNGRWAKKQGKIRAFGHKAGAKSVRRAVSFAANNGIEALTLYAFSSENWNRPAQ
EVSALMELFVWALDSEVKSLHRHNVRLRIIGDTSRFNSRLQERIRKSEALTAGNTGLTLNIAANYGGRWDIVQGVRQLAE
KVQQGNLQPDQIDEEMLNQHVCMHELAPVDLVIRTGGEHRISNFLLWQIAYAELYFTDVLWPDFDEQDFEGALNAFANRE
RRFGGTEPGDETA
;
_entity_poly.pdbx_strand_id   A,B
#
# COMPACT_ATOMS: atom_id res chain seq x y z
N LEU A 13 -2.69 -15.76 -19.62
CA LEU A 13 -3.96 -15.68 -20.42
C LEU A 13 -5.10 -16.55 -19.84
N PRO A 14 -4.93 -17.10 -18.61
CA PRO A 14 -6.05 -17.92 -18.11
C PRO A 14 -7.30 -17.08 -17.83
N ALA A 15 -8.46 -17.70 -17.88
CA ALA A 15 -9.70 -16.98 -17.67
C ALA A 15 -9.77 -15.96 -16.48
N HIS A 16 -9.34 -16.34 -15.28
CA HIS A 16 -9.36 -15.36 -14.20
C HIS A 16 -8.47 -14.13 -14.57
N GLY A 17 -7.55 -14.31 -15.53
CA GLY A 17 -6.68 -13.22 -15.97
C GLY A 17 -5.75 -12.64 -14.92
N CYS A 18 -5.42 -13.43 -13.89
CA CYS A 18 -4.57 -12.93 -12.85
C CYS A 18 -3.14 -13.47 -13.03
N ARG A 19 -2.12 -12.63 -13.05
CA ARG A 19 -0.76 -13.12 -13.29
C ARG A 19 0.17 -13.24 -12.09
N HIS A 20 -0.03 -12.34 -11.16
CA HIS A 20 0.81 -12.35 -10.00
C HIS A 20 -0.09 -12.12 -8.77
N VAL A 21 -0.13 -13.16 -7.92
CA VAL A 21 -0.86 -13.13 -6.68
C VAL A 21 0.12 -13.00 -5.49
N ALA A 22 -0.26 -12.20 -4.48
CA ALA A 22 0.55 -12.07 -3.29
C ALA A 22 -0.34 -12.41 -2.08
N ILE A 23 0.27 -13.13 -1.13
CA ILE A 23 -0.48 -13.56 0.01
C ILE A 23 0.06 -13.25 1.40
N ILE A 24 -0.77 -12.67 2.23
CA ILE A 24 -0.37 -12.46 3.61
C ILE A 24 -1.08 -13.65 4.31
N MET A 25 -0.29 -14.67 4.67
CA MET A 25 -0.74 -15.91 5.32
C MET A 25 -0.94 -15.83 6.84
N ASP A 26 -1.92 -15.08 7.30
CA ASP A 26 -2.19 -14.91 8.70
C ASP A 26 -3.30 -15.87 9.18
N GLY A 27 -3.33 -16.14 10.50
CA GLY A 27 -4.31 -17.02 11.13
C GLY A 27 -3.83 -18.36 11.74
N ASN A 28 -2.59 -18.74 11.47
CA ASN A 28 -2.02 -20.02 11.90
C ASN A 28 -2.15 -20.21 13.40
N GLY A 29 -1.73 -19.19 14.17
CA GLY A 29 -1.78 -19.30 15.64
C GLY A 29 -3.22 -19.48 16.15
N ARG A 30 -4.06 -18.56 15.70
CA ARG A 30 -5.47 -18.55 16.05
C ARG A 30 -6.08 -19.92 15.65
N TRP A 31 -5.62 -20.43 14.53
CA TRP A 31 -6.14 -21.70 14.06
C TRP A 31 -5.83 -22.83 15.09
N ALA A 32 -4.61 -22.88 15.57
CA ALA A 32 -4.18 -23.86 16.53
C ALA A 32 -4.92 -23.61 17.87
N LYS A 33 -4.90 -22.37 18.38
CA LYS A 33 -5.65 -22.08 19.63
C LYS A 33 -7.13 -22.47 19.56
N LYS A 34 -7.86 -22.21 18.47
CA LYS A 34 -9.28 -22.60 18.47
C LYS A 34 -9.39 -24.05 18.90
N GLN A 35 -8.38 -24.84 18.55
CA GLN A 35 -8.33 -26.25 18.86
C GLN A 35 -7.70 -26.68 20.21
N GLY A 36 -7.24 -25.74 21.02
CA GLY A 36 -6.58 -26.10 22.26
C GLY A 36 -5.15 -26.54 21.96
N LYS A 37 -4.67 -26.22 20.77
CA LYS A 37 -3.33 -26.63 20.42
C LYS A 37 -2.32 -25.50 20.43
N ILE A 38 -1.07 -25.87 20.66
CA ILE A 38 0.00 -24.91 20.73
C ILE A 38 0.35 -24.33 19.37
N ARG A 39 1.07 -23.22 19.44
CA ARG A 39 1.49 -22.46 18.30
C ARG A 39 2.04 -23.34 17.20
N ALA A 40 2.90 -24.28 17.56
CA ALA A 40 3.52 -25.12 16.55
C ALA A 40 2.58 -25.88 15.65
N PHE A 41 1.44 -26.33 16.16
CA PHE A 41 0.59 -27.11 15.28
C PHE A 41 0.04 -26.28 14.10
N GLY A 42 -0.22 -25.00 14.38
CA GLY A 42 -0.71 -24.10 13.35
C GLY A 42 0.36 -23.90 12.28
N HIS A 43 1.64 -23.95 12.68
CA HIS A 43 2.74 -23.77 11.71
C HIS A 43 2.84 -25.02 10.85
N LYS A 44 2.60 -26.18 11.46
CA LYS A 44 2.62 -27.40 10.70
C LYS A 44 1.51 -27.21 9.67
N ALA A 45 0.27 -26.98 10.14
CA ALA A 45 -0.85 -26.86 9.22
C ALA A 45 -0.73 -25.71 8.19
N GLY A 46 0.07 -24.69 8.51
CA GLY A 46 0.24 -23.60 7.61
C GLY A 46 1.13 -24.00 6.46
N ALA A 47 2.15 -24.77 6.76
CA ALA A 47 3.06 -25.24 5.72
C ALA A 47 2.29 -26.11 4.72
N LYS A 48 1.38 -26.97 5.17
CA LYS A 48 0.58 -27.79 4.23
C LYS A 48 -0.13 -26.81 3.31
N SER A 49 -0.69 -25.77 3.94
CA SER A 49 -1.42 -24.78 3.18
C SER A 49 -0.54 -24.10 2.13
N VAL A 50 0.73 -23.84 2.45
CA VAL A 50 1.62 -23.23 1.46
C VAL A 50 1.84 -24.20 0.29
N ARG A 51 2.02 -25.49 0.60
CA ARG A 51 2.25 -26.52 -0.43
C ARG A 51 1.05 -26.55 -1.38
N ARG A 52 -0.13 -26.51 -0.79
CA ARG A 52 -1.43 -26.51 -1.48
C ARG A 52 -1.63 -25.27 -2.37
N ALA A 53 -1.26 -24.08 -1.89
CA ALA A 53 -1.41 -22.84 -2.66
C ALA A 53 -0.39 -22.81 -3.83
N VAL A 54 0.86 -23.15 -3.53
CA VAL A 54 1.90 -23.15 -4.53
C VAL A 54 1.48 -24.07 -5.68
N SER A 55 1.09 -25.29 -5.32
CA SER A 55 0.62 -26.28 -6.30
C SER A 55 -0.60 -25.74 -7.11
N PHE A 56 -1.56 -25.11 -6.40
CA PHE A 56 -2.72 -24.55 -7.05
C PHE A 56 -2.26 -23.52 -8.06
N ALA A 57 -1.39 -22.60 -7.66
CA ALA A 57 -0.95 -21.57 -8.57
C ALA A 57 -0.19 -22.12 -9.78
N ALA A 58 0.66 -23.13 -9.61
CA ALA A 58 1.38 -23.70 -10.74
C ALA A 58 0.41 -24.41 -11.72
N ASN A 59 -0.70 -24.89 -11.19
CA ASN A 59 -1.69 -25.57 -11.97
C ASN A 59 -2.75 -24.63 -12.53
N ASN A 60 -2.75 -23.36 -12.15
CA ASN A 60 -3.78 -22.52 -12.72
C ASN A 60 -3.25 -21.33 -13.50
N GLY A 61 -2.10 -21.52 -14.14
CA GLY A 61 -1.53 -20.49 -14.98
C GLY A 61 -1.02 -19.20 -14.37
N ILE A 62 -0.78 -19.21 -13.06
CA ILE A 62 -0.28 -17.99 -12.44
C ILE A 62 1.25 -17.85 -12.70
N GLU A 63 1.69 -16.67 -13.07
CA GLU A 63 3.10 -16.45 -13.38
C GLU A 63 3.97 -16.29 -12.16
N ALA A 64 3.42 -15.66 -11.12
CA ALA A 64 4.17 -15.41 -9.91
C ALA A 64 3.28 -15.46 -8.65
N LEU A 65 3.82 -16.05 -7.56
CA LEU A 65 3.11 -16.18 -6.30
C LEU A 65 4.08 -15.64 -5.29
N THR A 66 3.70 -14.58 -4.57
CA THR A 66 4.57 -13.98 -3.61
C THR A 66 3.96 -14.12 -2.21
N LEU A 67 4.66 -14.84 -1.36
CA LEU A 67 4.18 -15.19 -0.02
C LEU A 67 4.90 -14.48 1.10
N TYR A 68 4.10 -13.86 1.97
CA TYR A 68 4.69 -13.12 3.06
C TYR A 68 5.01 -14.04 4.22
N ALA A 69 6.25 -14.53 4.15
CA ALA A 69 6.84 -15.45 5.08
C ALA A 69 7.35 -14.92 6.43
N PHE A 70 8.23 -13.90 6.40
CA PHE A 70 8.85 -13.31 7.59
C PHE A 70 9.05 -11.80 7.38
N SER A 71 8.40 -11.01 8.20
CA SER A 71 8.56 -9.57 8.08
C SER A 71 9.74 -9.08 8.92
N SER A 72 10.33 -7.96 8.48
CA SER A 72 11.47 -7.31 9.16
C SER A 72 11.09 -6.90 10.60
N GLU A 73 9.79 -6.77 10.84
CA GLU A 73 9.26 -6.40 12.15
C GLU A 73 9.16 -7.63 13.05
N ASN A 74 8.95 -8.80 12.43
CA ASN A 74 8.79 -10.04 13.18
C ASN A 74 10.00 -10.38 14.02
N TRP A 75 11.15 -9.87 13.64
CA TRP A 75 12.32 -10.18 14.41
C TRP A 75 12.14 -9.78 15.86
N ASN A 76 11.12 -8.95 16.09
CA ASN A 76 10.84 -8.48 17.44
C ASN A 76 9.63 -9.23 17.99
N ARG A 77 9.88 -10.48 18.36
CA ARG A 77 8.88 -11.38 18.91
C ARG A 77 9.60 -12.47 19.72
N PRO A 78 8.85 -13.25 20.53
CA PRO A 78 9.48 -14.30 21.33
C PRO A 78 10.38 -15.24 20.54
N ALA A 79 11.58 -15.48 21.08
CA ALA A 79 12.57 -16.35 20.45
C ALA A 79 11.95 -17.67 19.96
N GLN A 80 11.05 -18.25 20.75
CA GLN A 80 10.38 -19.50 20.36
C GLN A 80 9.61 -19.28 19.06
N GLU A 81 9.08 -18.06 18.87
CA GLU A 81 8.33 -17.72 17.67
C GLU A 81 9.26 -17.37 16.45
N VAL A 82 10.39 -16.72 16.71
CA VAL A 82 11.35 -16.35 15.65
C VAL A 82 12.04 -17.59 15.13
N SER A 83 12.66 -18.30 16.07
CA SER A 83 13.38 -19.49 15.69
C SER A 83 12.49 -20.57 15.07
N ALA A 84 11.22 -20.65 15.46
CA ALA A 84 10.33 -21.65 14.88
C ALA A 84 10.19 -21.32 13.39
N LEU A 85 9.87 -20.08 13.12
CA LEU A 85 9.75 -19.60 11.76
C LEU A 85 11.05 -19.86 11.03
N MET A 86 12.16 -19.42 11.61
CA MET A 86 13.46 -19.66 10.97
C MET A 86 13.64 -21.14 10.73
N GLU A 87 13.33 -21.93 11.76
CA GLU A 87 13.41 -23.37 11.73
C GLU A 87 12.64 -23.94 10.55
N LEU A 88 11.46 -23.40 10.32
CA LEU A 88 10.62 -23.89 9.26
C LEU A 88 11.16 -23.47 7.85
N PHE A 89 11.72 -22.26 7.79
CA PHE A 89 12.29 -21.69 6.59
C PHE A 89 13.48 -22.59 6.23
N VAL A 90 14.33 -22.87 7.24
CA VAL A 90 15.47 -23.73 6.97
C VAL A 90 14.94 -25.08 6.53
N TRP A 91 13.92 -25.56 7.21
CA TRP A 91 13.36 -26.85 6.79
C TRP A 91 12.83 -26.81 5.33
N ALA A 92 12.12 -25.76 4.96
CA ALA A 92 11.62 -25.72 3.58
C ALA A 92 12.75 -25.73 2.54
N LEU A 93 13.78 -24.94 2.78
CA LEU A 93 14.86 -24.84 1.86
C LEU A 93 15.60 -26.14 1.72
N ASP A 94 15.85 -26.81 2.86
CA ASP A 94 16.58 -28.09 2.84
C ASP A 94 15.71 -29.21 2.28
N SER A 95 14.40 -29.07 2.34
CA SER A 95 13.62 -30.22 1.90
C SER A 95 12.52 -30.10 0.92
N GLU A 96 12.15 -28.88 0.52
CA GLU A 96 11.09 -28.71 -0.45
C GLU A 96 11.61 -28.16 -1.78
N VAL A 97 12.86 -27.72 -1.82
CA VAL A 97 13.44 -27.15 -3.05
C VAL A 97 13.48 -28.10 -4.26
N LYS A 98 13.87 -29.37 -4.04
CA LYS A 98 13.91 -30.33 -5.12
C LYS A 98 12.53 -30.46 -5.73
N SER A 99 11.48 -30.31 -4.93
CA SER A 99 10.15 -30.44 -5.54
C SER A 99 9.78 -29.18 -6.36
N LEU A 100 10.19 -28.01 -5.90
CA LEU A 100 9.91 -26.81 -6.68
C LEU A 100 10.58 -26.97 -8.09
N HIS A 101 11.81 -27.44 -8.06
CA HIS A 101 12.58 -27.64 -9.26
C HIS A 101 11.89 -28.66 -10.13
N ARG A 102 11.53 -29.81 -9.59
CA ARG A 102 10.83 -30.80 -10.38
C ARG A 102 9.50 -30.22 -10.92
N HIS A 103 9.04 -29.10 -10.39
CA HIS A 103 7.83 -28.48 -10.92
C HIS A 103 8.16 -27.31 -11.83
N ASN A 104 9.43 -27.12 -12.14
CA ASN A 104 9.83 -26.04 -13.04
C ASN A 104 9.48 -24.68 -12.37
N VAL A 105 9.55 -24.71 -11.05
CA VAL A 105 9.25 -23.55 -10.27
C VAL A 105 10.52 -22.83 -10.03
N ARG A 106 10.44 -21.54 -10.24
CA ARG A 106 11.56 -20.67 -10.04
C ARG A 106 11.45 -20.00 -8.65
N LEU A 107 12.46 -20.22 -7.83
CA LEU A 107 12.42 -19.68 -6.47
C LEU A 107 13.27 -18.49 -6.19
N ARG A 108 12.63 -17.45 -5.61
CA ARG A 108 13.34 -16.23 -5.21
C ARG A 108 12.97 -15.92 -3.75
N ILE A 109 13.95 -15.41 -3.01
CA ILE A 109 13.68 -15.03 -1.67
C ILE A 109 13.79 -13.52 -1.76
N ILE A 110 12.92 -12.78 -1.10
CA ILE A 110 13.04 -11.33 -1.18
C ILE A 110 13.08 -10.81 0.22
N GLY A 111 13.92 -9.82 0.47
CA GLY A 111 14.04 -9.28 1.80
C GLY A 111 15.53 -9.20 2.14
N ASP A 112 15.85 -8.66 3.30
CA ASP A 112 17.23 -8.46 3.73
C ASP A 112 17.85 -9.75 4.20
N THR A 113 18.45 -10.43 3.24
CA THR A 113 19.09 -11.70 3.47
C THR A 113 20.43 -11.51 4.17
N SER A 114 20.97 -10.31 4.10
CA SER A 114 22.24 -10.08 4.76
C SER A 114 22.16 -10.38 6.25
N ARG A 115 21.02 -10.14 6.87
CA ARG A 115 20.95 -10.41 8.29
C ARG A 115 21.02 -11.88 8.66
N PHE A 116 20.57 -12.76 7.77
CA PHE A 116 20.59 -14.18 8.10
C PHE A 116 22.03 -14.67 8.29
N ASN A 117 22.21 -15.74 9.07
CA ASN A 117 23.56 -16.28 9.25
C ASN A 117 24.04 -16.82 7.87
N SER A 118 25.34 -16.67 7.60
CA SER A 118 25.95 -17.09 6.35
C SER A 118 25.58 -18.48 5.92
N ARG A 119 25.09 -19.29 6.84
CA ARG A 119 24.79 -20.63 6.45
C ARG A 119 23.41 -20.64 5.81
N LEU A 120 22.50 -19.87 6.41
CA LEU A 120 21.14 -19.74 5.85
C LEU A 120 21.27 -19.05 4.45
N GLN A 121 22.16 -18.05 4.35
CA GLN A 121 22.42 -17.35 3.09
C GLN A 121 22.93 -18.34 2.00
N GLU A 122 23.78 -19.28 2.41
CA GLU A 122 24.31 -20.22 1.48
C GLU A 122 23.17 -21.17 0.98
N ARG A 123 22.27 -21.56 1.86
CA ARG A 123 21.18 -22.39 1.42
C ARG A 123 20.28 -21.57 0.44
N ILE A 124 20.02 -20.31 0.78
CA ILE A 124 19.23 -19.46 -0.07
C ILE A 124 19.92 -19.34 -1.44
N ARG A 125 21.21 -19.02 -1.38
CA ARG A 125 21.96 -18.88 -2.61
C ARG A 125 21.92 -20.11 -3.48
N LYS A 126 22.02 -21.28 -2.88
CA LYS A 126 22.01 -22.48 -3.68
C LYS A 126 20.63 -22.79 -4.25
N SER A 127 19.58 -22.66 -3.42
CA SER A 127 18.17 -22.89 -3.87
C SER A 127 17.75 -21.99 -5.07
N GLU A 128 18.14 -20.71 -5.00
CA GLU A 128 17.80 -19.80 -6.10
C GLU A 128 18.55 -20.27 -7.35
N ALA A 129 19.85 -20.55 -7.20
CA ALA A 129 20.69 -20.96 -8.32
C ALA A 129 20.16 -22.24 -8.96
N LEU A 130 19.87 -23.23 -8.15
CA LEU A 130 19.37 -24.48 -8.69
C LEU A 130 18.21 -24.24 -9.62
N THR A 131 17.34 -23.30 -9.25
CA THR A 131 16.11 -23.04 -9.95
C THR A 131 16.06 -21.76 -10.80
N ALA A 132 17.15 -21.00 -10.89
CA ALA A 132 17.14 -19.74 -11.62
C ALA A 132 16.72 -19.78 -13.07
N GLY A 133 16.96 -20.90 -13.74
CA GLY A 133 16.59 -21.04 -15.14
C GLY A 133 15.23 -21.66 -15.38
N ASN A 134 14.48 -21.90 -14.30
CA ASN A 134 13.15 -22.49 -14.47
C ASN A 134 12.20 -21.53 -15.11
N THR A 135 11.24 -22.04 -15.84
CA THR A 135 10.37 -21.19 -16.63
C THR A 135 8.90 -21.25 -16.29
N GLY A 136 8.57 -21.97 -15.22
CA GLY A 136 7.16 -22.03 -14.83
C GLY A 136 6.81 -20.89 -13.88
N LEU A 137 6.16 -21.26 -12.78
CA LEU A 137 5.77 -20.30 -11.74
C LEU A 137 6.98 -19.68 -11.03
N THR A 138 6.95 -18.38 -10.74
CA THR A 138 8.05 -17.81 -9.91
C THR A 138 7.47 -17.71 -8.49
N LEU A 139 8.13 -18.38 -7.55
CA LEU A 139 7.71 -18.37 -6.17
C LEU A 139 8.61 -17.44 -5.44
N ASN A 140 8.07 -16.35 -4.95
CA ASN A 140 8.84 -15.39 -4.19
C ASN A 140 8.48 -15.56 -2.72
N ILE A 141 9.47 -15.91 -1.92
CA ILE A 141 9.28 -16.02 -0.47
C ILE A 141 9.90 -14.75 0.15
N ALA A 142 9.04 -13.91 0.71
CA ALA A 142 9.48 -12.71 1.38
C ALA A 142 9.95 -13.07 2.79
N ALA A 143 11.25 -13.07 3.00
CA ALA A 143 11.85 -13.40 4.30
C ALA A 143 12.71 -12.20 4.74
N ASN A 144 12.47 -11.76 5.98
CA ASN A 144 13.07 -10.61 6.62
C ASN A 144 12.82 -9.42 5.66
N TYR A 145 11.56 -9.38 5.22
CA TYR A 145 11.01 -8.44 4.25
C TYR A 145 10.01 -7.41 4.79
N GLY A 146 10.11 -6.23 4.16
CA GLY A 146 9.27 -5.05 4.43
C GLY A 146 9.18 -4.14 3.18
N GLY A 147 7.99 -3.65 2.93
CA GLY A 147 7.74 -2.76 1.81
C GLY A 147 8.54 -1.47 1.83
N ARG A 148 8.73 -0.91 3.01
CA ARG A 148 9.52 0.30 3.15
C ARG A 148 11.00 0.04 2.89
N TRP A 149 11.48 -1.08 3.43
CA TRP A 149 12.84 -1.50 3.28
C TRP A 149 13.11 -1.72 1.81
N ASP A 150 12.17 -2.39 1.16
CA ASP A 150 12.24 -2.67 -0.26
C ASP A 150 12.44 -1.34 -1.03
N ILE A 151 11.60 -0.35 -0.76
CA ILE A 151 11.73 0.96 -1.45
C ILE A 151 13.13 1.57 -1.16
N VAL A 152 13.50 1.58 0.13
CA VAL A 152 14.79 2.08 0.54
C VAL A 152 15.93 1.43 -0.24
N GLN A 153 15.86 0.13 -0.53
CA GLN A 153 16.95 -0.51 -1.25
C GLN A 153 17.06 -0.08 -2.70
N GLY A 154 15.93 0.16 -3.32
CA GLY A 154 15.89 0.62 -4.71
C GLY A 154 16.41 2.06 -4.71
N VAL A 155 16.18 2.81 -3.63
CA VAL A 155 16.63 4.19 -3.52
C VAL A 155 18.18 4.24 -3.51
N ARG A 156 18.76 3.50 -2.57
CA ARG A 156 20.22 3.41 -2.48
C ARG A 156 20.85 2.98 -3.81
N GLN A 157 20.22 2.05 -4.50
CA GLN A 157 20.76 1.66 -5.78
C GLN A 157 20.84 2.91 -6.67
N LEU A 158 19.74 3.69 -6.73
CA LEU A 158 19.72 4.87 -7.54
C LEU A 158 20.75 5.89 -7.07
N ALA A 159 20.80 6.12 -5.75
CA ALA A 159 21.72 7.09 -5.13
C ALA A 159 23.11 6.77 -5.68
N GLU A 160 23.43 5.50 -5.57
CA GLU A 160 24.66 4.95 -6.04
C GLU A 160 24.92 5.37 -7.49
N LYS A 161 23.95 5.19 -8.39
CA LYS A 161 24.20 5.60 -9.75
C LYS A 161 24.45 7.12 -9.78
N VAL A 162 23.89 7.83 -8.81
CA VAL A 162 24.07 9.25 -8.79
C VAL A 162 25.50 9.47 -8.33
N GLN A 163 25.94 8.69 -7.34
CA GLN A 163 27.31 8.83 -6.86
C GLN A 163 28.42 8.54 -7.92
N GLN A 164 28.27 7.47 -8.70
CA GLN A 164 29.25 7.07 -9.69
C GLN A 164 29.26 8.05 -10.82
N GLY A 165 28.31 8.96 -10.81
CA GLY A 165 28.26 9.97 -11.86
C GLY A 165 27.43 9.65 -13.08
N ASN A 166 26.62 8.61 -13.02
CA ASN A 166 25.78 8.28 -14.16
C ASN A 166 24.35 8.71 -14.08
N LEU A 167 23.92 9.17 -12.90
CA LEU A 167 22.54 9.57 -12.74
C LEU A 167 22.44 10.97 -12.18
N GLN A 168 21.50 11.71 -12.73
CA GLN A 168 21.18 13.05 -12.32
C GLN A 168 19.84 12.97 -11.54
N PRO A 169 19.80 13.51 -10.28
CA PRO A 169 18.61 13.52 -9.44
C PRO A 169 17.33 13.82 -10.19
N ASP A 170 17.35 14.92 -10.96
CA ASP A 170 16.19 15.34 -11.74
C ASP A 170 15.81 14.29 -12.77
N GLN A 171 16.60 13.26 -12.95
CA GLN A 171 16.21 12.27 -13.94
C GLN A 171 15.50 11.09 -13.28
N ILE A 172 15.59 10.99 -11.96
CA ILE A 172 14.95 9.90 -11.25
C ILE A 172 13.45 10.06 -11.34
N ASP A 173 12.79 9.09 -11.96
CA ASP A 173 11.33 9.21 -12.03
C ASP A 173 10.66 7.88 -11.48
N GLU A 174 9.34 7.80 -11.52
CA GLU A 174 8.61 6.64 -11.01
C GLU A 174 9.08 5.35 -11.66
N GLU A 175 9.14 5.42 -12.96
CA GLU A 175 9.57 4.29 -13.74
C GLU A 175 10.97 3.84 -13.35
N MET A 176 11.86 4.78 -13.04
CA MET A 176 13.18 4.33 -12.70
C MET A 176 13.16 3.58 -11.37
N LEU A 177 12.53 4.11 -10.34
CA LEU A 177 12.48 3.41 -9.07
C LEU A 177 11.67 2.12 -9.20
N ASN A 178 10.66 2.13 -10.05
CA ASN A 178 9.92 0.91 -10.25
C ASN A 178 10.82 -0.24 -10.76
N GLN A 179 11.93 0.11 -11.44
CA GLN A 179 12.86 -0.87 -11.99
C GLN A 179 13.86 -1.40 -10.96
N HIS A 180 13.91 -0.76 -9.80
CA HIS A 180 14.83 -1.21 -8.76
C HIS A 180 14.20 -1.71 -7.46
N VAL A 181 12.89 -1.96 -7.45
CA VAL A 181 12.23 -2.51 -6.27
C VAL A 181 12.18 -4.06 -6.52
N CYS A 182 11.99 -4.85 -5.45
CA CYS A 182 11.95 -6.29 -5.68
C CYS A 182 10.82 -6.68 -6.66
N MET A 183 11.12 -7.70 -7.46
CA MET A 183 10.19 -8.27 -8.41
C MET A 183 9.83 -7.35 -9.60
N HIS A 184 10.66 -6.33 -9.88
CA HIS A 184 10.46 -5.39 -11.01
C HIS A 184 10.41 -6.16 -12.29
N GLU A 185 11.09 -7.29 -12.31
CA GLU A 185 11.12 -8.16 -13.45
C GLU A 185 9.85 -9.01 -13.76
N LEU A 186 8.93 -9.09 -12.79
CA LEU A 186 7.72 -9.94 -12.99
C LEU A 186 6.51 -9.12 -13.36
N ALA A 187 5.44 -9.81 -13.74
CA ALA A 187 4.18 -9.15 -14.06
C ALA A 187 3.78 -8.35 -12.78
N PRO A 188 3.12 -7.20 -12.95
CA PRO A 188 2.76 -6.49 -11.72
C PRO A 188 1.81 -7.35 -10.82
N VAL A 189 1.77 -7.02 -9.53
CA VAL A 189 0.92 -7.73 -8.56
C VAL A 189 -0.51 -7.33 -8.89
N ASP A 190 -1.33 -8.32 -9.26
CA ASP A 190 -2.74 -8.15 -9.64
C ASP A 190 -3.68 -8.32 -8.48
N LEU A 191 -3.26 -9.14 -7.53
CA LEU A 191 -4.11 -9.53 -6.42
C LEU A 191 -3.38 -9.81 -5.07
N VAL A 192 -3.75 -9.06 -4.04
CA VAL A 192 -3.19 -9.31 -2.73
C VAL A 192 -4.30 -9.99 -1.91
N ILE A 193 -3.99 -11.16 -1.35
CA ILE A 193 -4.93 -11.87 -0.51
C ILE A 193 -4.40 -11.90 0.90
N ARG A 194 -5.27 -11.55 1.84
CA ARG A 194 -4.90 -11.66 3.24
C ARG A 194 -5.92 -12.44 4.03
N THR A 195 -5.49 -13.60 4.53
CA THR A 195 -6.32 -14.46 5.36
C THR A 195 -6.16 -14.04 6.84
N GLY A 196 -7.01 -14.62 7.72
CA GLY A 196 -6.88 -14.31 9.12
C GLY A 196 -7.71 -13.18 9.69
N GLY A 197 -8.53 -12.50 8.87
CA GLY A 197 -9.36 -11.43 9.39
C GLY A 197 -8.86 -9.98 9.45
N GLU A 198 -7.56 -9.74 9.56
CA GLU A 198 -7.07 -8.37 9.61
C GLU A 198 -7.04 -7.66 8.24
N HIS A 199 -7.45 -6.40 8.25
CA HIS A 199 -7.54 -5.59 7.03
C HIS A 199 -6.42 -4.57 6.91
N ARG A 200 -5.20 -5.05 6.75
CA ARG A 200 -4.10 -4.11 6.58
C ARG A 200 -2.97 -4.80 5.86
N ILE A 201 -2.07 -4.05 5.22
CA ILE A 201 -0.92 -4.54 4.47
C ILE A 201 0.21 -4.92 5.38
N SER A 202 0.30 -4.24 6.53
CA SER A 202 1.36 -4.58 7.51
C SER A 202 2.79 -4.51 6.92
N ASN A 203 3.06 -3.46 6.15
CA ASN A 203 4.37 -3.28 5.57
C ASN A 203 4.83 -4.44 4.69
N PHE A 204 3.86 -5.09 4.04
CA PHE A 204 4.16 -6.15 3.08
C PHE A 204 4.47 -5.26 1.87
N LEU A 205 4.21 -5.73 0.67
CA LEU A 205 4.48 -4.94 -0.52
C LEU A 205 3.73 -3.61 -0.44
N LEU A 206 4.36 -2.48 -0.80
CA LEU A 206 3.68 -1.20 -0.77
C LEU A 206 3.81 -0.53 -2.14
N TRP A 207 5.04 -0.35 -2.63
CA TRP A 207 5.25 0.23 -3.95
C TRP A 207 4.47 -0.60 -4.98
N GLN A 208 4.65 -1.92 -4.94
CA GLN A 208 4.01 -2.86 -5.88
C GLN A 208 2.51 -3.05 -5.79
N ILE A 209 1.84 -2.62 -4.73
CA ILE A 209 0.43 -2.80 -4.70
C ILE A 209 -0.43 -1.57 -5.07
N ALA A 210 0.17 -0.57 -5.69
CA ALA A 210 -0.53 0.61 -6.14
C ALA A 210 -1.82 0.38 -6.90
N TYR A 211 -1.89 -0.71 -7.66
CA TYR A 211 -3.02 -0.97 -8.52
C TYR A 211 -3.64 -2.36 -8.35
N ALA A 212 -3.09 -3.10 -7.38
CA ALA A 212 -3.51 -4.45 -7.02
C ALA A 212 -4.92 -4.49 -6.40
N GLU A 213 -5.60 -5.58 -6.66
CA GLU A 213 -6.90 -5.74 -6.03
C GLU A 213 -6.55 -6.23 -4.59
N LEU A 214 -7.22 -5.70 -3.56
CA LEU A 214 -6.96 -6.09 -2.16
C LEU A 214 -8.14 -6.94 -1.72
N TYR A 215 -7.81 -8.13 -1.25
CA TYR A 215 -8.83 -9.09 -0.93
C TYR A 215 -8.61 -9.74 0.45
N PHE A 216 -9.52 -9.41 1.34
CA PHE A 216 -9.53 -9.84 2.75
C PHE A 216 -10.56 -10.90 3.04
N THR A 217 -10.10 -11.99 3.67
CA THR A 217 -10.98 -13.07 4.06
C THR A 217 -10.71 -13.38 5.52
N ASP A 218 -11.73 -13.80 6.27
CA ASP A 218 -11.54 -14.20 7.70
C ASP A 218 -11.03 -15.62 7.79
N VAL A 219 -11.02 -16.37 6.67
CA VAL A 219 -10.53 -17.75 6.74
C VAL A 219 -9.11 -17.75 7.29
N LEU A 220 -8.82 -18.60 8.25
CA LEU A 220 -7.49 -18.67 8.79
C LEU A 220 -6.60 -19.38 7.75
N TRP A 221 -5.37 -18.93 7.60
CA TRP A 221 -4.50 -19.53 6.61
C TRP A 221 -4.46 -21.10 6.52
N PRO A 222 -4.38 -21.83 7.64
CA PRO A 222 -4.38 -23.32 7.57
C PRO A 222 -5.68 -23.89 6.90
N ASP A 223 -6.78 -23.11 6.93
CA ASP A 223 -8.04 -23.49 6.30
C ASP A 223 -8.19 -22.94 4.89
N PHE A 224 -7.20 -22.14 4.45
CA PHE A 224 -7.32 -21.52 3.15
C PHE A 224 -6.92 -22.55 2.11
N ASP A 225 -7.90 -23.10 1.36
CA ASP A 225 -7.55 -24.13 0.39
C ASP A 225 -7.74 -23.79 -1.07
N GLU A 226 -7.75 -24.84 -1.92
CA GLU A 226 -7.92 -24.58 -3.34
C GLU A 226 -9.27 -23.87 -3.63
N GLN A 227 -10.36 -24.31 -3.01
CA GLN A 227 -11.64 -23.65 -3.29
C GLN A 227 -11.56 -22.16 -2.88
N ASP A 228 -10.90 -21.86 -1.73
CA ASP A 228 -10.80 -20.43 -1.35
C ASP A 228 -9.93 -19.68 -2.34
N PHE A 229 -8.88 -20.32 -2.88
CA PHE A 229 -8.01 -19.65 -3.86
C PHE A 229 -8.85 -19.28 -5.13
N GLU A 230 -9.61 -20.24 -5.66
CA GLU A 230 -10.54 -20.02 -6.79
C GLU A 230 -11.48 -18.88 -6.43
N GLY A 231 -11.97 -18.90 -5.20
CA GLY A 231 -12.88 -17.85 -4.76
C GLY A 231 -12.28 -16.48 -4.96
N ALA A 232 -11.07 -16.33 -4.41
CA ALA A 232 -10.36 -15.09 -4.53
C ALA A 232 -10.07 -14.79 -6.01
N LEU A 233 -9.59 -15.78 -6.79
CA LEU A 233 -9.35 -15.49 -8.21
C LEU A 233 -10.66 -15.01 -8.88
N ASN A 234 -11.77 -15.68 -8.57
CA ASN A 234 -13.06 -15.32 -9.16
C ASN A 234 -13.54 -13.98 -8.73
N ALA A 235 -13.32 -13.64 -7.48
CA ALA A 235 -13.71 -12.30 -7.07
C ALA A 235 -12.85 -11.32 -7.92
N PHE A 236 -11.58 -11.61 -8.10
CA PHE A 236 -10.73 -10.74 -8.90
C PHE A 236 -11.24 -10.67 -10.35
N ALA A 237 -11.44 -11.81 -10.98
CA ALA A 237 -11.90 -11.82 -12.35
C ALA A 237 -13.16 -10.92 -12.52
N ASN A 238 -13.96 -10.79 -11.46
CA ASN A 238 -15.14 -9.95 -11.46
C ASN A 238 -14.75 -8.58 -10.88
N ARG A 239 -13.76 -7.94 -11.48
CA ARG A 239 -13.37 -6.62 -11.00
C ARG A 239 -13.47 -5.69 -12.21
N GLY B 17 -7.99 4.67 19.59
CA GLY B 17 -8.08 6.13 19.13
C GLY B 17 -7.58 6.42 17.70
N CYS B 18 -8.51 6.61 16.75
CA CYS B 18 -8.17 6.90 15.36
C CYS B 18 -7.80 8.40 15.24
N ARG B 19 -6.54 8.64 14.93
CA ARG B 19 -6.07 9.98 14.83
C ARG B 19 -6.07 10.54 13.41
N HIS B 20 -5.66 9.72 12.45
CA HIS B 20 -5.58 10.20 11.09
C HIS B 20 -6.34 9.30 10.10
N VAL B 21 -7.35 9.91 9.52
CA VAL B 21 -8.17 9.24 8.54
C VAL B 21 -7.91 9.75 7.12
N ALA B 22 -7.81 8.81 6.17
CA ALA B 22 -7.61 9.10 4.76
C ALA B 22 -8.75 8.45 3.94
N ILE B 23 -9.33 9.24 3.05
CA ILE B 23 -10.41 8.81 2.23
C ILE B 23 -10.24 8.88 0.70
N ILE B 24 -10.51 7.76 0.02
CA ILE B 24 -10.55 7.75 -1.44
C ILE B 24 -12.07 7.90 -1.70
N MET B 25 -12.47 9.07 -2.19
CA MET B 25 -13.88 9.40 -2.44
C MET B 25 -14.45 8.98 -3.84
N ASP B 26 -14.54 7.70 -4.12
CA ASP B 26 -15.02 7.24 -5.37
C ASP B 26 -16.55 7.06 -5.40
N GLY B 27 -17.13 7.16 -6.60
CA GLY B 27 -18.56 6.97 -6.76
C GLY B 27 -19.46 8.14 -7.22
N ASN B 28 -18.89 9.31 -7.45
CA ASN B 28 -19.71 10.44 -7.82
C ASN B 28 -20.36 10.18 -9.17
N GLY B 29 -19.54 9.80 -10.16
CA GLY B 29 -20.08 9.49 -11.47
C GLY B 29 -21.14 8.38 -11.46
N ARG B 30 -20.85 7.27 -10.80
CA ARG B 30 -21.87 6.21 -10.76
C ARG B 30 -23.13 6.71 -10.04
N TRP B 31 -22.97 7.55 -9.03
CA TRP B 31 -24.13 8.07 -8.31
C TRP B 31 -24.97 8.94 -9.27
N ALA B 32 -24.33 9.70 -10.14
CA ALA B 32 -25.05 10.52 -11.11
C ALA B 32 -25.85 9.61 -12.05
N LYS B 33 -25.14 8.75 -12.80
CA LYS B 33 -25.78 7.79 -13.73
C LYS B 33 -26.99 7.12 -13.01
N LYS B 34 -26.74 6.59 -11.82
CA LYS B 34 -27.75 5.95 -10.96
C LYS B 34 -29.00 6.83 -10.67
N GLN B 35 -28.81 8.14 -10.54
CA GLN B 35 -29.90 9.09 -10.28
C GLN B 35 -30.52 9.55 -11.61
N GLY B 36 -29.87 9.18 -12.71
CA GLY B 36 -30.33 9.59 -14.01
C GLY B 36 -29.87 11.01 -14.38
N LYS B 37 -28.68 11.43 -13.92
CA LYS B 37 -28.20 12.78 -14.19
C LYS B 37 -26.80 12.86 -14.83
N ILE B 38 -26.40 14.06 -15.25
CA ILE B 38 -25.07 14.24 -15.83
C ILE B 38 -24.04 14.24 -14.67
N ARG B 39 -22.80 13.85 -15.02
CA ARG B 39 -21.65 13.71 -14.11
C ARG B 39 -21.46 14.90 -13.19
N ALA B 40 -21.77 16.10 -13.67
CA ALA B 40 -21.58 17.30 -12.84
C ALA B 40 -22.46 17.37 -11.61
N PHE B 41 -23.56 16.65 -11.68
CA PHE B 41 -24.54 16.63 -10.63
C PHE B 41 -24.06 15.76 -9.50
N GLY B 42 -23.41 14.67 -9.87
CA GLY B 42 -22.89 13.79 -8.88
C GLY B 42 -21.82 14.54 -8.12
N HIS B 43 -21.11 15.41 -8.85
CA HIS B 43 -20.03 16.17 -8.27
C HIS B 43 -20.56 17.20 -7.29
N LYS B 44 -21.68 17.81 -7.61
CA LYS B 44 -22.18 18.77 -6.63
C LYS B 44 -22.51 17.96 -5.40
N ALA B 45 -23.13 16.81 -5.59
CA ALA B 45 -23.49 16.01 -4.45
C ALA B 45 -22.26 15.57 -3.64
N GLY B 46 -21.20 15.21 -4.36
CA GLY B 46 -19.96 14.75 -3.76
C GLY B 46 -19.40 15.86 -2.89
N ALA B 47 -19.47 17.09 -3.39
CA ALA B 47 -18.95 18.23 -2.64
C ALA B 47 -19.69 18.36 -1.37
N LYS B 48 -21.00 18.15 -1.41
CA LYS B 48 -21.79 18.26 -0.21
C LYS B 48 -21.34 17.22 0.79
N SER B 49 -20.85 16.10 0.28
CA SER B 49 -20.42 15.03 1.13
C SER B 49 -19.09 15.37 1.80
N VAL B 50 -18.17 15.97 1.06
CA VAL B 50 -16.90 16.42 1.65
C VAL B 50 -17.16 17.31 2.91
N ARG B 51 -18.09 18.25 2.76
CA ARG B 51 -18.46 19.15 3.84
C ARG B 51 -18.99 18.34 4.99
N ARG B 52 -19.88 17.41 4.70
CA ARG B 52 -20.43 16.60 5.77
C ARG B 52 -19.36 15.77 6.50
N ALA B 53 -18.36 15.28 5.78
CA ALA B 53 -17.29 14.43 6.33
C ALA B 53 -16.27 15.26 7.14
N VAL B 54 -15.92 16.41 6.60
CA VAL B 54 -15.00 17.32 7.28
C VAL B 54 -15.61 17.69 8.68
N SER B 55 -16.89 18.11 8.73
CA SER B 55 -17.57 18.44 10.01
C SER B 55 -17.55 17.27 11.01
N PHE B 56 -17.93 16.11 10.51
CA PHE B 56 -17.98 14.93 11.34
C PHE B 56 -16.58 14.66 11.90
N ALA B 57 -15.55 14.80 11.05
CA ALA B 57 -14.18 14.54 11.54
C ALA B 57 -13.91 15.57 12.63
N ALA B 58 -14.20 16.81 12.31
CA ALA B 58 -13.94 17.87 13.32
C ALA B 58 -14.75 17.68 14.63
N ASN B 59 -16.07 17.45 14.57
CA ASN B 59 -16.87 17.25 15.78
C ASN B 59 -16.49 15.96 16.51
N ASN B 60 -15.66 15.10 15.89
CA ASN B 60 -15.29 13.88 16.56
C ASN B 60 -13.87 13.74 17.02
N GLY B 61 -13.18 14.86 17.07
CA GLY B 61 -11.80 14.82 17.54
C GLY B 61 -10.72 14.20 16.65
N ILE B 62 -11.06 13.83 15.40
CA ILE B 62 -10.04 13.22 14.51
C ILE B 62 -8.94 14.29 14.33
N GLU B 63 -7.67 13.95 14.43
CA GLU B 63 -6.73 15.04 14.23
C GLU B 63 -6.32 15.33 12.78
N ALA B 64 -6.45 14.35 11.90
CA ALA B 64 -6.07 14.57 10.52
C ALA B 64 -7.02 13.83 9.63
N LEU B 65 -7.43 14.52 8.59
CA LEU B 65 -8.32 14.08 7.56
C LEU B 65 -7.68 14.41 6.18
N THR B 66 -7.24 13.38 5.48
CA THR B 66 -6.64 13.50 4.17
C THR B 66 -7.64 12.94 3.10
N LEU B 67 -8.01 13.80 2.15
CA LEU B 67 -8.95 13.48 1.09
C LEU B 67 -8.27 13.41 -0.29
N TYR B 68 -8.55 12.37 -1.04
CA TYR B 68 -7.95 12.22 -2.36
C TYR B 68 -8.82 12.91 -3.43
N ALA B 69 -8.43 14.15 -3.77
CA ALA B 69 -9.10 15.02 -4.74
C ALA B 69 -8.83 14.58 -6.19
N PHE B 70 -7.64 14.85 -6.70
CA PHE B 70 -7.39 14.37 -8.03
C PHE B 70 -5.97 13.86 -8.23
N SER B 71 -5.89 12.72 -8.89
CA SER B 71 -4.63 12.05 -9.19
C SER B 71 -3.84 12.69 -10.32
N SER B 72 -2.52 12.52 -10.24
CA SER B 72 -1.61 13.04 -11.25
C SER B 72 -2.22 12.64 -12.62
N GLU B 73 -2.80 11.45 -12.63
CA GLU B 73 -3.39 10.83 -13.81
C GLU B 73 -4.46 11.64 -14.51
N PRO B 78 -9.06 17.34 -22.61
CA PRO B 78 -9.15 18.73 -23.08
C PRO B 78 -8.40 19.74 -22.18
N ALA B 79 -7.27 20.27 -22.67
CA ALA B 79 -6.44 21.26 -21.97
C ALA B 79 -7.32 22.41 -21.46
N GLN B 80 -8.60 22.31 -21.82
CA GLN B 80 -9.61 23.25 -21.44
C GLN B 80 -10.22 22.80 -20.12
N GLU B 81 -10.83 21.60 -20.10
CA GLU B 81 -11.45 21.10 -18.88
C GLU B 81 -10.55 20.97 -17.63
N VAL B 82 -9.25 21.07 -17.84
CA VAL B 82 -8.30 21.02 -16.75
C VAL B 82 -8.40 22.43 -16.18
N SER B 83 -8.43 23.39 -17.10
CA SER B 83 -8.55 24.80 -16.78
C SER B 83 -9.80 25.05 -15.92
N ALA B 84 -10.93 24.46 -16.33
CA ALA B 84 -12.19 24.62 -15.63
C ALA B 84 -12.09 24.02 -14.24
N LEU B 85 -11.16 23.07 -14.12
CA LEU B 85 -10.90 22.39 -12.88
C LEU B 85 -9.96 23.21 -12.02
N MET B 86 -9.04 23.93 -12.67
CA MET B 86 -8.16 24.76 -11.87
C MET B 86 -9.00 25.91 -11.33
N GLU B 87 -9.98 26.36 -12.10
CA GLU B 87 -10.85 27.43 -11.69
C GLU B 87 -11.78 26.97 -10.57
N LEU B 88 -12.16 25.69 -10.60
CA LEU B 88 -13.05 25.12 -9.57
C LEU B 88 -12.32 25.13 -8.22
N PHE B 89 -11.06 24.70 -8.26
CA PHE B 89 -10.21 24.64 -7.08
C PHE B 89 -10.23 26.10 -6.53
N VAL B 90 -9.86 27.06 -7.37
CA VAL B 90 -9.89 28.46 -6.95
C VAL B 90 -11.28 28.85 -6.28
N TRP B 91 -12.35 28.49 -6.98
CA TRP B 91 -13.69 28.76 -6.51
C TRP B 91 -13.88 28.15 -5.12
N ALA B 92 -13.58 26.86 -5.00
CA ALA B 92 -13.68 26.14 -3.75
C ALA B 92 -12.90 26.85 -2.58
N LEU B 93 -11.66 27.23 -2.83
CA LEU B 93 -10.83 27.90 -1.82
C LEU B 93 -11.42 29.22 -1.40
N ASP B 94 -11.83 29.98 -2.41
CA ASP B 94 -12.38 31.28 -2.15
C ASP B 94 -13.69 31.16 -1.39
N SER B 95 -14.51 30.17 -1.70
CA SER B 95 -15.76 30.08 -0.97
C SER B 95 -15.73 29.35 0.35
N GLU B 96 -14.87 28.35 0.47
CA GLU B 96 -14.84 27.56 1.67
C GLU B 96 -13.77 27.84 2.69
N VAL B 97 -12.70 28.57 2.33
CA VAL B 97 -11.66 28.80 3.34
C VAL B 97 -12.13 29.60 4.61
N LYS B 98 -12.88 30.68 4.45
CA LYS B 98 -13.37 31.42 5.64
C LYS B 98 -14.01 30.43 6.64
N SER B 99 -14.84 29.53 6.15
CA SER B 99 -15.51 28.56 7.01
C SER B 99 -14.53 27.59 7.69
N LEU B 100 -13.58 27.04 6.92
CA LEU B 100 -12.61 26.15 7.53
C LEU B 100 -11.91 26.88 8.66
N HIS B 101 -11.72 28.16 8.44
CA HIS B 101 -11.01 28.96 9.41
C HIS B 101 -11.81 29.13 10.68
N ARG B 102 -13.10 29.49 10.56
CA ARG B 102 -13.95 29.66 11.73
C ARG B 102 -14.05 28.35 12.50
N HIS B 103 -14.01 27.27 11.74
CA HIS B 103 -14.14 26.02 12.38
C HIS B 103 -12.80 25.57 12.85
N ASN B 104 -11.84 26.50 12.95
CA ASN B 104 -10.49 26.16 13.47
C ASN B 104 -9.76 25.00 12.76
N VAL B 105 -9.94 24.89 11.45
CA VAL B 105 -9.28 23.83 10.68
C VAL B 105 -8.01 24.27 10.00
N ARG B 106 -6.93 23.51 10.08
CA ARG B 106 -5.71 23.86 9.33
C ARG B 106 -5.77 23.21 7.92
N LEU B 107 -5.72 24.01 6.85
CA LEU B 107 -5.79 23.47 5.50
C LEU B 107 -4.42 23.23 4.89
N ARG B 108 -4.23 22.07 4.31
CA ARG B 108 -2.97 21.79 3.63
C ARG B 108 -3.23 21.06 2.31
N ILE B 109 -2.56 21.49 1.27
CA ILE B 109 -2.72 20.78 0.02
C ILE B 109 -1.46 19.90 -0.25
N ILE B 110 -1.66 18.60 -0.52
CA ILE B 110 -0.51 17.79 -0.86
C ILE B 110 -0.63 17.38 -2.29
N GLY B 111 0.53 17.26 -2.95
CA GLY B 111 0.47 16.84 -4.36
C GLY B 111 1.43 17.64 -5.20
N ASP B 112 1.51 17.40 -6.49
CA ASP B 112 2.47 18.20 -7.32
C ASP B 112 1.82 19.48 -7.76
N THR B 113 2.01 20.55 -7.03
CA THR B 113 1.37 21.76 -7.46
C THR B 113 2.16 22.74 -8.35
N SER B 114 3.46 22.50 -8.50
CA SER B 114 4.34 23.34 -9.33
C SER B 114 3.66 23.53 -10.68
N ARG B 115 2.92 22.52 -11.07
CA ARG B 115 2.12 22.44 -12.27
C ARG B 115 0.92 23.46 -12.32
N PHE B 116 0.45 23.93 -11.17
CA PHE B 116 -0.67 24.85 -11.20
C PHE B 116 -0.28 26.22 -11.65
N ASN B 117 -1.26 26.95 -12.19
CA ASN B 117 -1.00 28.33 -12.64
C ASN B 117 -0.63 29.17 -11.45
N SER B 118 -0.04 30.31 -11.74
CA SER B 118 0.39 31.17 -10.66
C SER B 118 -0.69 31.57 -9.68
N ARG B 119 -1.88 31.92 -10.19
CA ARG B 119 -2.99 32.36 -9.36
C ARG B 119 -3.44 31.26 -8.37
N LEU B 120 -3.61 30.05 -8.85
CA LEU B 120 -4.01 28.95 -7.97
C LEU B 120 -2.94 28.59 -6.89
N GLN B 121 -1.66 28.64 -7.27
CA GLN B 121 -0.58 28.35 -6.32
C GLN B 121 -0.59 29.39 -5.18
N GLU B 122 -0.72 30.66 -5.53
CA GLU B 122 -0.77 31.76 -4.54
C GLU B 122 -2.03 31.65 -3.66
N ARG B 123 -3.13 31.26 -4.28
CA ARG B 123 -4.38 31.07 -3.56
C ARG B 123 -4.20 29.91 -2.58
N ILE B 124 -3.46 28.90 -3.01
CA ILE B 124 -3.20 27.80 -2.13
C ILE B 124 -2.27 28.24 -0.96
N ARG B 125 -1.24 29.02 -1.28
CA ARG B 125 -0.34 29.51 -0.24
C ARG B 125 -1.06 30.43 0.76
N LYS B 126 -1.91 31.34 0.27
CA LYS B 126 -2.60 32.23 1.23
C LYS B 126 -3.55 31.40 2.10
N SER B 127 -4.22 30.43 1.51
CA SER B 127 -5.13 29.63 2.31
C SER B 127 -4.37 28.86 3.36
N GLU B 128 -3.20 28.28 3.01
CA GLU B 128 -2.45 27.53 4.03
C GLU B 128 -1.96 28.55 5.05
N ALA B 129 -1.47 29.71 4.56
CA ALA B 129 -0.95 30.72 5.47
C ALA B 129 -2.06 31.13 6.43
N LEU B 130 -3.26 31.32 5.89
CA LEU B 130 -4.35 31.77 6.76
C LEU B 130 -4.75 30.78 7.84
N THR B 131 -4.63 29.48 7.54
CA THR B 131 -5.06 28.49 8.52
C THR B 131 -3.93 27.73 9.26
N ALA B 132 -2.68 28.07 9.00
CA ALA B 132 -1.58 27.34 9.62
C ALA B 132 -1.70 27.32 11.12
N GLY B 133 -2.05 28.46 11.73
CA GLY B 133 -2.23 28.54 13.17
C GLY B 133 -3.45 27.84 13.79
N ASN B 134 -4.44 27.39 13.01
CA ASN B 134 -5.59 26.72 13.57
C ASN B 134 -5.23 25.46 14.32
N THR B 135 -5.91 25.20 15.42
CA THR B 135 -5.53 24.07 16.27
C THR B 135 -6.48 22.86 16.24
N GLY B 136 -7.51 22.92 15.40
CA GLY B 136 -8.42 21.78 15.32
C GLY B 136 -7.95 20.74 14.30
N LEU B 137 -8.88 20.32 13.44
CA LEU B 137 -8.61 19.34 12.43
C LEU B 137 -7.61 19.83 11.38
N THR B 138 -6.66 18.98 11.01
CA THR B 138 -5.76 19.32 9.91
C THR B 138 -6.44 18.63 8.71
N LEU B 139 -6.91 19.39 7.73
CA LEU B 139 -7.55 18.78 6.57
C LEU B 139 -6.55 18.76 5.41
N ASN B 140 -6.18 17.57 4.94
CA ASN B 140 -5.24 17.49 3.81
C ASN B 140 -5.98 17.23 2.51
N ILE B 141 -5.82 18.14 1.53
CA ILE B 141 -6.45 17.97 0.23
C ILE B 141 -5.39 17.56 -0.77
N ALA B 142 -5.46 16.32 -1.24
CA ALA B 142 -4.50 15.80 -2.19
C ALA B 142 -4.87 16.22 -3.60
N ALA B 143 -4.15 17.15 -4.20
CA ALA B 143 -4.47 17.62 -5.56
C ALA B 143 -3.28 17.27 -6.42
N ASN B 144 -3.54 16.67 -7.57
CA ASN B 144 -2.48 16.21 -8.46
C ASN B 144 -1.47 15.43 -7.63
N TYR B 145 -2.00 14.48 -6.87
CA TYR B 145 -1.20 13.63 -5.99
C TYR B 145 -1.08 12.20 -6.44
N GLY B 146 0.09 11.60 -6.16
CA GLY B 146 0.31 10.21 -6.46
C GLY B 146 1.17 9.58 -5.37
N GLY B 147 0.77 8.41 -4.83
CA GLY B 147 1.66 7.82 -3.80
C GLY B 147 3.11 7.59 -4.24
N ARG B 148 3.26 7.14 -5.48
CA ARG B 148 4.59 6.85 -6.04
C ARG B 148 5.32 8.16 -6.27
N TRP B 149 4.57 9.17 -6.72
CA TRP B 149 5.14 10.49 -6.97
C TRP B 149 5.71 11.07 -5.68
N ASP B 150 4.99 10.85 -4.58
CA ASP B 150 5.37 11.33 -3.27
C ASP B 150 6.74 10.77 -2.88
N ILE B 151 6.89 9.45 -2.92
CA ILE B 151 8.15 8.80 -2.60
C ILE B 151 9.27 9.36 -3.56
N VAL B 152 8.97 9.44 -4.85
CA VAL B 152 9.92 9.94 -5.82
C VAL B 152 10.43 11.33 -5.47
N GLN B 153 9.55 12.23 -5.01
CA GLN B 153 9.97 13.53 -4.58
C GLN B 153 11.00 13.41 -3.43
N GLY B 154 10.73 12.56 -2.46
CA GLY B 154 11.68 12.40 -1.37
C GLY B 154 13.01 11.86 -1.88
N VAL B 155 12.91 10.93 -2.81
CA VAL B 155 14.10 10.30 -3.39
C VAL B 155 14.97 11.33 -4.10
N ARG B 156 14.34 12.21 -4.85
CA ARG B 156 15.05 13.25 -5.62
C ARG B 156 15.77 14.22 -4.70
N GLN B 157 15.20 14.43 -3.53
CA GLN B 157 15.77 15.33 -2.52
C GLN B 157 17.02 14.68 -2.03
N LEU B 158 16.86 13.41 -1.66
CA LEU B 158 17.95 12.64 -1.16
C LEU B 158 19.04 12.54 -2.22
N ALA B 159 18.66 12.38 -3.49
CA ALA B 159 19.63 12.22 -4.54
C ALA B 159 20.51 13.48 -4.64
N GLU B 160 19.86 14.66 -4.54
CA GLU B 160 20.53 15.94 -4.59
C GLU B 160 21.61 16.10 -3.56
N LYS B 161 21.34 15.64 -2.34
CA LYS B 161 22.32 15.76 -1.28
C LYS B 161 23.48 14.85 -1.60
N VAL B 162 23.20 13.68 -2.17
CA VAL B 162 24.27 12.75 -2.53
C VAL B 162 25.18 13.37 -3.61
N GLN B 163 24.57 14.03 -4.59
CA GLN B 163 25.28 14.68 -5.67
C GLN B 163 26.24 15.71 -5.10
N GLN B 164 25.77 16.48 -4.13
CA GLN B 164 26.62 17.49 -3.48
C GLN B 164 27.64 16.81 -2.58
N GLY B 165 27.55 15.50 -2.45
CA GLY B 165 28.50 14.78 -1.61
C GLY B 165 28.27 14.78 -0.09
N ASN B 166 27.08 15.20 0.36
CA ASN B 166 26.76 15.24 1.80
C ASN B 166 25.97 14.05 2.32
N LEU B 167 25.82 12.99 1.52
CA LEU B 167 25.06 11.83 1.95
C LEU B 167 25.54 10.65 1.15
N GLN B 168 25.94 9.61 1.85
CA GLN B 168 26.40 8.39 1.22
C GLN B 168 25.14 7.52 0.97
N PRO B 169 25.10 6.82 -0.18
CA PRO B 169 23.96 5.98 -0.48
C PRO B 169 23.64 5.06 0.68
N ASP B 170 24.69 4.62 1.35
CA ASP B 170 24.55 3.71 2.48
C ASP B 170 23.92 4.32 3.72
N GLN B 171 23.86 5.64 3.78
CA GLN B 171 23.29 6.27 4.94
C GLN B 171 21.78 6.52 4.79
N ILE B 172 21.24 6.28 3.61
CA ILE B 172 19.83 6.48 3.40
C ILE B 172 19.11 5.28 4.03
N ASP B 173 18.18 5.53 4.95
CA ASP B 173 17.40 4.47 5.57
C ASP B 173 15.93 4.94 5.63
N GLU B 174 15.02 4.05 6.00
CA GLU B 174 13.58 4.35 6.08
C GLU B 174 13.23 5.63 6.83
N GLU B 175 13.89 5.84 7.96
CA GLU B 175 13.60 7.01 8.78
C GLU B 175 13.98 8.28 8.04
N MET B 176 15.12 8.23 7.40
CA MET B 176 15.57 9.37 6.65
C MET B 176 14.56 9.59 5.55
N LEU B 177 14.26 8.57 4.75
CA LEU B 177 13.34 8.78 3.62
C LEU B 177 11.96 9.21 4.01
N ASN B 178 11.49 8.69 5.14
CA ASN B 178 10.19 9.02 5.67
C ASN B 178 10.10 10.53 5.95
N GLN B 179 11.20 11.15 6.37
CA GLN B 179 11.26 12.58 6.66
C GLN B 179 11.10 13.36 5.38
N HIS B 180 11.11 12.68 4.24
CA HIS B 180 10.97 13.38 2.98
C HIS B 180 9.72 12.96 2.23
N VAL B 181 8.73 12.43 2.96
CA VAL B 181 7.49 12.10 2.28
C VAL B 181 6.38 12.96 2.89
N CYS B 182 5.37 13.22 2.10
CA CYS B 182 4.26 14.03 2.55
C CYS B 182 3.64 13.57 3.81
N MET B 183 3.26 14.54 4.63
CA MET B 183 2.63 14.34 5.95
C MET B 183 3.52 13.67 7.02
N HIS B 184 4.84 13.67 6.86
CA HIS B 184 5.70 13.03 7.88
C HIS B 184 5.69 13.75 9.19
N GLU B 185 5.25 14.99 9.17
CA GLU B 185 5.11 15.81 10.37
C GLU B 185 3.82 15.53 11.13
N LEU B 186 2.86 14.85 10.50
CA LEU B 186 1.59 14.59 11.19
C LEU B 186 1.45 13.17 11.72
N ALA B 187 0.45 12.95 12.57
CA ALA B 187 0.12 11.62 13.06
C ALA B 187 0.02 10.62 11.88
N PRO B 188 0.51 9.41 12.10
CA PRO B 188 0.45 8.42 11.03
C PRO B 188 -1.01 8.08 10.66
N VAL B 189 -1.23 7.84 9.38
CA VAL B 189 -2.52 7.44 8.88
C VAL B 189 -2.87 6.08 9.49
N ASP B 190 -4.04 6.04 10.14
CA ASP B 190 -4.58 4.86 10.82
C ASP B 190 -5.64 4.11 10.05
N LEU B 191 -6.39 4.85 9.25
CA LEU B 191 -7.49 4.27 8.56
C LEU B 191 -7.63 4.85 7.17
N VAL B 192 -7.72 3.97 6.18
CA VAL B 192 -7.94 4.42 4.86
C VAL B 192 -9.31 3.93 4.49
N ILE B 193 -10.17 4.85 4.08
CA ILE B 193 -11.56 4.51 3.63
C ILE B 193 -11.72 4.71 2.10
N ARG B 194 -12.29 3.75 1.42
CA ARG B 194 -12.56 3.93 0.00
C ARG B 194 -14.03 3.60 -0.24
N THR B 195 -14.78 4.61 -0.64
CA THR B 195 -16.16 4.42 -0.97
C THR B 195 -16.21 4.02 -2.45
N GLY B 196 -17.37 3.60 -2.96
CA GLY B 196 -17.43 3.34 -4.39
C GLY B 196 -17.38 1.89 -4.78
N GLY B 197 -16.92 1.02 -3.91
CA GLY B 197 -16.94 -0.38 -4.27
C GLY B 197 -15.64 -1.00 -4.76
N GLU B 198 -14.74 -0.20 -5.32
CA GLU B 198 -13.48 -0.76 -5.76
C GLU B 198 -12.58 -1.09 -4.53
N HIS B 199 -11.80 -2.15 -4.66
CA HIS B 199 -10.91 -2.57 -3.57
C HIS B 199 -9.45 -2.35 -3.89
N ARG B 200 -9.09 -1.09 -4.10
CA ARG B 200 -7.72 -0.74 -4.43
C ARG B 200 -7.37 0.61 -3.82
N ILE B 201 -6.07 0.80 -3.67
CA ILE B 201 -5.51 2.04 -3.14
C ILE B 201 -5.38 3.04 -4.30
N SER B 202 -5.18 2.50 -5.52
CA SER B 202 -5.04 3.32 -6.74
C SER B 202 -3.99 4.41 -6.69
N ASN B 203 -2.80 4.06 -6.30
CA ASN B 203 -1.73 5.02 -6.23
C ASN B 203 -2.05 6.27 -5.41
N PHE B 204 -2.85 6.06 -4.36
CA PHE B 204 -3.14 7.10 -3.40
C PHE B 204 -1.96 6.91 -2.44
N LEU B 205 -2.05 7.30 -1.17
CA LEU B 205 -0.92 7.08 -0.23
C LEU B 205 -0.43 5.59 -0.30
N LEU B 206 0.89 5.40 -0.30
CA LEU B 206 1.53 4.10 -0.34
C LEU B 206 2.50 3.95 0.84
N TRP B 207 3.56 4.75 0.87
CA TRP B 207 4.53 4.77 1.93
C TRP B 207 3.83 4.88 3.28
N GLN B 208 2.87 5.78 3.35
CA GLN B 208 2.11 6.08 4.56
C GLN B 208 1.05 5.10 5.05
N ILE B 209 0.64 4.14 4.25
CA ILE B 209 -0.38 3.22 4.69
C ILE B 209 0.13 1.85 5.14
N ALA B 210 1.43 1.72 5.32
CA ALA B 210 2.02 0.42 5.73
C ALA B 210 1.27 -0.30 6.86
N TYR B 211 0.75 0.44 7.82
CA TYR B 211 0.12 -0.16 8.98
C TYR B 211 -1.32 0.26 9.17
N ALA B 212 -1.86 1.03 8.23
CA ALA B 212 -3.20 1.45 8.35
C ALA B 212 -4.27 0.38 8.16
N GLU B 213 -5.37 0.56 8.85
CA GLU B 213 -6.53 -0.30 8.71
C GLU B 213 -7.16 0.06 7.33
N LEU B 214 -7.63 -0.91 6.56
CA LEU B 214 -8.16 -0.60 5.26
C LEU B 214 -9.58 -0.93 5.23
N TYR B 215 -10.39 0.06 4.84
CA TYR B 215 -11.83 -0.10 4.88
C TYR B 215 -12.57 0.19 3.60
N PHE B 216 -13.15 -0.84 3.02
CA PHE B 216 -13.81 -0.66 1.74
C PHE B 216 -15.30 -0.70 1.86
N THR B 217 -15.97 0.24 1.20
CA THR B 217 -17.40 0.25 1.23
C THR B 217 -17.96 0.51 -0.19
N ASP B 218 -19.12 -0.10 -0.44
CA ASP B 218 -19.89 -0.03 -1.66
C ASP B 218 -20.71 1.28 -1.70
N VAL B 219 -20.95 1.91 -0.55
CA VAL B 219 -21.67 3.17 -0.54
C VAL B 219 -20.98 4.16 -1.47
N LEU B 220 -21.74 4.82 -2.34
CA LEU B 220 -21.13 5.78 -3.24
C LEU B 220 -20.81 7.05 -2.45
N TRP B 221 -19.76 7.77 -2.80
CA TRP B 221 -19.36 8.96 -2.05
C TRP B 221 -20.50 9.93 -1.76
N PRO B 222 -21.25 10.35 -2.80
CA PRO B 222 -22.33 11.28 -2.45
C PRO B 222 -23.23 10.80 -1.28
N ASP B 223 -23.43 9.49 -1.15
CA ASP B 223 -24.27 8.91 -0.10
C ASP B 223 -23.56 8.66 1.22
N PHE B 224 -22.24 8.75 1.21
CA PHE B 224 -21.48 8.38 2.39
C PHE B 224 -21.78 9.38 3.48
N ASP B 225 -22.32 8.92 4.60
CA ASP B 225 -22.63 9.86 5.65
C ASP B 225 -21.99 9.63 7.02
N GLU B 226 -22.54 10.30 8.02
CA GLU B 226 -22.04 10.20 9.37
C GLU B 226 -21.98 8.82 9.92
N GLN B 227 -23.02 8.03 9.61
CA GLN B 227 -23.13 6.67 10.08
C GLN B 227 -22.11 5.79 9.35
N ASP B 228 -21.94 6.03 8.06
CA ASP B 228 -20.96 5.24 7.31
C ASP B 228 -19.59 5.55 7.89
N PHE B 229 -19.37 6.83 8.17
CA PHE B 229 -18.08 7.22 8.67
C PHE B 229 -17.86 6.53 10.06
N GLU B 230 -18.90 6.49 10.90
CA GLU B 230 -18.78 5.85 12.22
C GLU B 230 -18.57 4.35 12.05
N GLY B 231 -19.30 3.78 11.10
CA GLY B 231 -19.12 2.37 10.86
C GLY B 231 -17.62 2.15 10.67
N ALA B 232 -16.98 2.97 9.82
CA ALA B 232 -15.55 2.84 9.56
C ALA B 232 -14.64 2.94 10.82
N LEU B 233 -14.93 3.94 11.64
CA LEU B 233 -14.19 4.12 12.89
C LEU B 233 -14.45 2.79 13.69
N ASN B 234 -15.71 2.33 13.69
CA ASN B 234 -15.98 1.08 14.39
C ASN B 234 -15.12 -0.04 13.84
N ALA B 235 -15.06 -0.16 12.52
CA ALA B 235 -14.22 -1.22 11.98
C ALA B 235 -12.79 -1.00 12.50
N PHE B 236 -12.34 0.25 12.59
CA PHE B 236 -10.98 0.49 13.09
C PHE B 236 -10.88 0.04 14.55
N ALA B 237 -11.79 0.54 15.41
CA ALA B 237 -11.77 0.20 16.84
C ALA B 237 -11.71 -1.29 17.08
N ASN B 238 -12.20 -2.08 16.11
CA ASN B 238 -12.20 -3.52 16.28
C ASN B 238 -10.99 -4.23 15.66
N ARG B 239 -9.92 -3.52 15.33
CA ARG B 239 -8.77 -4.20 14.76
C ARG B 239 -7.95 -4.77 15.93
N GLU B 240 -7.29 -5.90 15.70
CA GLU B 240 -6.48 -6.61 16.71
C GLU B 240 -5.00 -6.60 16.38
#